data_1PDG
#
_entry.id   1PDG
#
_cell.length_a   147.300
_cell.length_b   31.800
_cell.length_c   90.100
_cell.angle_alpha   90.00
_cell.angle_beta   98.70
_cell.angle_gamma   90.00
#
_symmetry.space_group_name_H-M   'C 1 2 1'
#
_entity_poly.entity_id   1
_entity_poly.type   'polypeptide(L)'
_entity_poly.pdbx_seq_one_letter_code
;SLGSLTIAEPAMIAECKTRTEVFEISRRLIDRTNANFLVWPPCVEVQRCSGCCNNRNVQCRPTQVQLRPVQVRKIEIVRK
KPIFKKATVTLEDHLACKCETVAAARPVT
;
_entity_poly.pdbx_strand_id   A,B,C
#
# COMPACT_ATOMS: atom_id res chain seq x y z
N GLU A 9 -8.61 -32.41 2.15
CA GLU A 9 -7.31 -32.11 1.48
C GLU A 9 -6.21 -31.69 2.46
N PRO A 10 -5.12 -32.44 2.37
CA PRO A 10 -3.92 -32.23 3.19
C PRO A 10 -3.11 -31.10 2.56
N ALA A 11 -1.84 -31.11 2.93
CA ALA A 11 -0.91 -30.04 2.50
C ALA A 11 -0.41 -30.29 1.10
N MET A 12 -0.39 -29.23 0.36
CA MET A 12 0.09 -29.26 -1.03
C MET A 12 1.26 -28.25 -1.11
N ILE A 13 2.15 -28.54 -2.00
CA ILE A 13 3.33 -27.77 -2.29
C ILE A 13 3.03 -26.34 -2.70
N ALA A 14 4.01 -25.46 -2.49
CA ALA A 14 4.01 -24.06 -2.84
C ALA A 14 4.68 -23.90 -4.23
N GLU A 15 3.86 -23.95 -5.24
CA GLU A 15 4.29 -23.79 -6.66
C GLU A 15 5.54 -22.92 -6.62
N CYS A 16 6.55 -23.19 -7.44
CA CYS A 16 7.77 -22.36 -7.42
C CYS A 16 7.58 -21.14 -8.30
N LYS A 17 7.11 -20.03 -7.83
CA LYS A 17 6.95 -18.81 -8.70
C LYS A 17 7.49 -17.67 -7.89
N THR A 18 7.18 -16.43 -8.06
CA THR A 18 7.61 -15.26 -7.33
C THR A 18 6.54 -14.59 -6.48
N ARG A 19 6.76 -14.49 -5.21
CA ARG A 19 5.94 -13.90 -4.19
C ARG A 19 6.74 -12.71 -3.59
N THR A 20 6.07 -11.62 -3.30
CA THR A 20 6.72 -10.45 -2.75
C THR A 20 7.24 -10.74 -1.35
N GLU A 21 8.29 -10.00 -1.03
CA GLU A 21 8.98 -10.10 0.24
C GLU A 21 9.28 -8.67 0.69
N VAL A 22 9.53 -8.48 1.96
CA VAL A 22 9.93 -7.11 2.41
C VAL A 22 11.44 -7.26 2.63
N PHE A 23 12.20 -6.30 2.29
CA PHE A 23 13.67 -6.27 2.28
C PHE A 23 14.11 -5.05 3.05
N GLU A 24 14.81 -5.21 4.14
CA GLU A 24 15.24 -4.08 5.02
C GLU A 24 16.29 -3.20 4.38
N ILE A 25 16.33 -1.90 4.69
CA ILE A 25 17.37 -1.03 4.15
C ILE A 25 18.44 -0.63 5.18
N SER A 26 19.64 -1.04 4.79
CA SER A 26 20.92 -0.97 5.46
C SER A 26 21.83 0.19 5.04
N ARG A 27 21.69 1.23 5.83
CA ARG A 27 22.35 2.53 5.75
C ARG A 27 23.23 2.76 4.56
N PHE A 37 21.01 7.09 11.58
CA PHE A 37 20.88 7.63 10.18
C PHE A 37 19.64 7.02 9.58
N LEU A 38 18.55 7.18 10.33
CA LEU A 38 17.25 6.60 9.90
C LEU A 38 17.18 6.88 8.38
N VAL A 39 16.72 5.90 7.66
CA VAL A 39 16.63 5.96 6.18
C VAL A 39 15.18 5.69 5.80
N TRP A 40 14.29 6.63 5.69
CA TRP A 40 12.84 6.28 5.41
C TRP A 40 12.67 6.12 3.92
N PRO A 41 12.11 5.07 3.38
CA PRO A 41 11.54 3.93 4.05
C PRO A 41 12.54 2.95 4.65
N PRO A 42 12.26 2.50 5.85
CA PRO A 42 13.07 1.50 6.53
C PRO A 42 13.09 0.22 5.71
N CYS A 43 12.02 -0.01 4.94
CA CYS A 43 11.91 -1.19 4.10
C CYS A 43 10.77 -1.19 3.11
N VAL A 44 11.14 -1.42 1.89
CA VAL A 44 10.37 -1.55 0.68
C VAL A 44 10.01 -2.98 0.36
N GLU A 45 8.99 -3.22 -0.45
CA GLU A 45 8.70 -4.63 -0.85
C GLU A 45 9.32 -4.76 -2.28
N VAL A 46 10.06 -5.80 -2.45
CA VAL A 46 10.70 -6.19 -3.72
C VAL A 46 10.14 -7.59 -4.03
N GLN A 47 10.21 -8.04 -5.27
CA GLN A 47 9.69 -9.38 -5.60
C GLN A 47 10.74 -10.43 -5.81
N ARG A 48 10.78 -11.46 -5.04
CA ARG A 48 11.61 -12.60 -4.96
C ARG A 48 11.00 -13.95 -5.23
N CYS A 49 11.80 -14.84 -5.79
CA CYS A 49 11.54 -16.21 -6.17
C CYS A 49 11.60 -17.21 -5.01
N SER A 50 10.49 -17.79 -4.65
CA SER A 50 10.37 -18.73 -3.54
C SER A 50 9.50 -19.91 -3.91
N GLY A 51 9.82 -21.08 -3.44
CA GLY A 51 8.97 -22.27 -3.73
C GLY A 51 9.80 -23.54 -3.71
N CYS A 52 9.24 -24.68 -4.08
CA CYS A 52 10.00 -25.91 -4.09
C CYS A 52 9.91 -26.74 -5.34
N CYS A 53 10.65 -27.87 -5.25
CA CYS A 53 10.60 -28.86 -6.33
C CYS A 53 10.53 -30.31 -5.92
N ASN A 54 10.73 -31.18 -6.92
CA ASN A 54 10.65 -32.62 -6.78
C ASN A 54 11.89 -33.22 -6.17
N ASN A 55 13.05 -32.93 -6.73
CA ASN A 55 14.28 -33.59 -6.17
C ASN A 55 14.83 -32.71 -5.06
N ARG A 56 15.80 -33.26 -4.33
CA ARG A 56 16.42 -32.50 -3.20
C ARG A 56 17.44 -31.54 -3.81
N ASN A 57 17.80 -31.87 -5.06
CA ASN A 57 18.77 -30.99 -5.74
C ASN A 57 18.18 -30.43 -7.02
N VAL A 58 17.00 -29.86 -6.87
CA VAL A 58 16.25 -29.13 -7.90
C VAL A 58 15.82 -27.87 -7.11
N GLN A 59 16.23 -26.76 -7.59
CA GLN A 59 15.97 -25.55 -6.72
C GLN A 59 15.20 -24.53 -7.51
N CYS A 60 14.38 -23.75 -6.82
CA CYS A 60 13.51 -22.71 -7.43
C CYS A 60 14.36 -21.46 -7.56
N ARG A 61 14.91 -21.23 -8.72
CA ARG A 61 15.89 -20.15 -8.97
C ARG A 61 15.46 -19.18 -10.05
N PRO A 62 15.90 -17.95 -9.99
CA PRO A 62 15.52 -16.94 -10.96
C PRO A 62 15.99 -17.25 -12.35
N THR A 63 15.23 -16.70 -13.28
CA THR A 63 15.42 -16.91 -14.74
C THR A 63 15.54 -15.60 -15.42
N GLN A 64 15.18 -14.54 -14.71
CA GLN A 64 15.37 -13.16 -15.20
C GLN A 64 15.13 -12.26 -13.99
N VAL A 65 16.05 -11.34 -13.83
CA VAL A 65 16.02 -10.34 -12.76
C VAL A 65 15.94 -9.00 -13.52
N GLN A 66 15.49 -8.02 -12.82
CA GLN A 66 15.27 -6.63 -13.37
C GLN A 66 15.83 -5.73 -12.28
N LEU A 67 16.59 -4.74 -12.62
CA LEU A 67 17.32 -3.91 -11.59
C LEU A 67 16.70 -2.52 -11.62
N ARG A 68 15.96 -2.28 -10.59
CA ARG A 68 15.17 -1.06 -10.37
C ARG A 68 15.71 -0.22 -9.25
N PRO A 69 16.03 1.03 -9.51
CA PRO A 69 16.49 2.00 -8.52
C PRO A 69 15.29 2.59 -7.76
N VAL A 70 15.53 3.06 -6.56
CA VAL A 70 14.52 3.72 -5.75
C VAL A 70 15.22 4.84 -4.94
N GLN A 71 14.44 5.83 -4.58
CA GLN A 71 14.84 6.98 -3.83
C GLN A 71 14.52 6.84 -2.35
N VAL A 72 15.53 7.05 -1.54
CA VAL A 72 15.46 7.10 -0.09
C VAL A 72 16.04 8.43 0.47
N ARG A 73 15.36 8.97 1.46
CA ARG A 73 15.75 10.13 2.24
C ARG A 73 16.66 9.63 3.39
N LYS A 74 17.91 10.00 3.29
CA LYS A 74 18.92 9.62 4.28
C LYS A 74 18.99 10.69 5.36
N ILE A 75 18.10 10.63 6.36
CA ILE A 75 18.02 11.62 7.41
C ILE A 75 19.16 11.61 8.41
N GLU A 76 20.06 12.55 8.30
CA GLU A 76 21.20 12.68 9.22
C GLU A 76 20.93 13.86 10.15
N ILE A 77 20.93 13.67 11.46
CA ILE A 77 20.75 14.83 12.38
C ILE A 77 22.11 15.47 12.71
N VAL A 78 22.17 16.77 12.37
CA VAL A 78 23.39 17.55 12.43
C VAL A 78 23.37 18.79 13.29
N ARG A 79 24.21 18.74 14.33
CA ARG A 79 24.49 19.76 15.32
C ARG A 79 23.29 19.85 16.29
N LYS A 80 22.24 20.43 15.74
CA LYS A 80 20.97 20.58 16.47
C LYS A 80 19.80 20.46 15.51
N LYS A 81 20.12 20.08 14.26
CA LYS A 81 19.16 20.00 13.16
C LYS A 81 19.34 18.87 12.15
N PRO A 82 18.21 18.35 11.70
CA PRO A 82 18.13 17.24 10.75
C PRO A 82 18.04 17.63 9.29
N ILE A 83 18.86 16.99 8.48
CA ILE A 83 18.94 17.18 7.03
C ILE A 83 18.24 16.09 6.27
N PHE A 84 17.70 16.40 5.10
CA PHE A 84 16.97 15.36 4.35
C PHE A 84 17.60 14.95 3.05
N LYS A 85 18.85 14.50 3.19
CA LYS A 85 19.66 14.01 2.07
C LYS A 85 18.92 13.01 1.20
N LYS A 86 18.86 13.25 -0.11
CA LYS A 86 18.20 12.31 -1.03
C LYS A 86 19.14 11.22 -1.54
N ALA A 87 18.71 9.97 -1.55
CA ALA A 87 19.55 8.89 -2.05
C ALA A 87 18.79 7.70 -2.61
N THR A 88 19.31 7.15 -3.70
CA THR A 88 19.00 6.09 -4.54
C THR A 88 19.72 4.76 -4.20
N VAL A 89 19.03 3.88 -3.56
CA VAL A 89 19.51 2.50 -3.30
C VAL A 89 19.05 1.83 -4.62
N THR A 90 19.51 0.68 -4.97
CA THR A 90 19.04 0.01 -6.17
C THR A 90 18.78 -1.47 -5.86
N LEU A 91 17.53 -1.85 -5.89
CA LEU A 91 16.82 -3.05 -5.60
C LEU A 91 16.91 -4.05 -6.74
N GLU A 92 16.57 -5.29 -6.49
CA GLU A 92 16.59 -6.30 -7.56
C GLU A 92 15.35 -7.16 -7.51
N ASP A 93 14.54 -6.94 -8.51
CA ASP A 93 13.29 -7.68 -8.70
C ASP A 93 13.70 -8.94 -9.51
N HIS A 94 12.95 -9.94 -9.25
CA HIS A 94 13.02 -11.30 -9.78
C HIS A 94 11.77 -11.44 -10.66
N LEU A 95 11.92 -11.62 -11.93
CA LEU A 95 10.78 -11.64 -12.85
C LEU A 95 10.35 -13.02 -13.26
N ALA A 96 11.17 -13.98 -13.13
CA ALA A 96 10.75 -15.34 -13.61
C ALA A 96 11.33 -16.36 -12.70
N CYS A 97 10.96 -17.62 -12.91
CA CYS A 97 11.52 -18.66 -12.01
C CYS A 97 11.26 -20.03 -12.63
N LYS A 98 12.25 -20.91 -12.54
CA LYS A 98 11.99 -22.26 -13.06
C LYS A 98 12.93 -23.21 -12.38
N CYS A 99 12.29 -24.16 -11.68
CA CYS A 99 12.99 -25.20 -10.93
C CYS A 99 14.17 -25.67 -11.81
N GLU A 100 15.32 -25.48 -11.21
CA GLU A 100 16.57 -25.82 -11.82
C GLU A 100 17.30 -26.93 -11.13
N THR A 101 18.06 -27.55 -11.99
CA THR A 101 18.97 -28.69 -11.83
C THR A 101 20.26 -28.13 -11.26
N VAL A 102 20.61 -28.66 -10.10
CA VAL A 102 21.78 -28.13 -9.38
C VAL A 102 22.35 -29.14 -8.41
N ALA A 103 23.53 -29.65 -8.72
CA ALA A 103 24.19 -30.56 -7.72
C ALA A 103 24.16 -29.70 -6.43
N ALA A 104 23.42 -30.26 -5.50
CA ALA A 104 23.18 -29.54 -4.22
C ALA A 104 22.77 -30.49 -3.10
N ILE B 7 13.35 8.42 -14.54
CA ILE B 7 13.94 7.09 -14.37
C ILE B 7 13.58 6.47 -13.02
N ALA B 8 14.35 6.80 -12.00
CA ALA B 8 14.14 6.25 -10.67
C ALA B 8 13.03 6.94 -9.91
N GLU B 9 12.08 6.12 -9.49
CA GLU B 9 10.89 6.44 -8.72
C GLU B 9 11.21 6.29 -7.24
N PRO B 10 10.44 6.96 -6.40
CA PRO B 10 10.65 6.97 -4.95
C PRO B 10 10.26 5.65 -4.31
N ALA B 11 10.82 5.35 -3.16
CA ALA B 11 10.65 4.15 -2.38
C ALA B 11 9.34 4.26 -1.60
N MET B 12 8.75 3.11 -1.43
CA MET B 12 7.40 3.05 -0.77
C MET B 12 7.53 2.03 0.35
N ILE B 13 7.16 2.42 1.53
CA ILE B 13 7.19 1.60 2.74
C ILE B 13 6.54 0.23 2.46
N ALA B 14 7.09 -0.76 3.12
CA ALA B 14 6.52 -2.12 3.08
C ALA B 14 5.45 -2.12 4.18
N GLU B 15 4.34 -1.51 3.83
CA GLU B 15 3.20 -1.36 4.78
C GLU B 15 3.00 -2.68 5.49
N CYS B 16 2.75 -2.70 6.78
CA CYS B 16 2.67 -3.95 7.56
C CYS B 16 1.35 -4.69 7.54
N LYS B 17 1.32 -5.81 6.82
CA LYS B 17 0.14 -6.67 6.74
C LYS B 17 0.49 -8.12 6.56
N THR B 18 -0.46 -8.96 6.25
CA THR B 18 -0.28 -10.43 6.06
C THR B 18 0.38 -10.68 4.72
N ARG B 19 1.47 -11.40 4.63
CA ARG B 19 2.09 -11.60 3.27
C ARG B 19 2.40 -13.06 3.09
N THR B 20 2.56 -13.64 1.91
CA THR B 20 2.81 -15.09 1.88
C THR B 20 4.29 -15.40 2.03
N GLU B 21 4.56 -16.46 2.75
CA GLU B 21 5.95 -16.86 3.04
C GLU B 21 6.11 -18.33 2.71
N VAL B 22 7.26 -18.85 2.34
CA VAL B 22 7.34 -20.29 2.02
C VAL B 22 8.04 -21.04 3.13
N PHE B 23 7.34 -21.88 3.84
CA PHE B 23 7.81 -22.64 5.00
C PHE B 23 8.13 -24.10 4.79
N GLU B 24 9.41 -24.42 4.71
CA GLU B 24 9.94 -25.79 4.55
C GLU B 24 9.70 -26.64 5.77
N ILE B 25 9.22 -27.87 5.68
CA ILE B 25 9.00 -28.70 6.87
C ILE B 25 10.22 -29.61 7.22
N SER B 26 10.33 -29.76 8.55
CA SER B 26 11.35 -30.59 9.22
C SER B 26 10.68 -31.46 10.31
N LEU B 38 13.18 -36.77 4.49
CA LEU B 38 12.29 -36.05 3.59
C LEU B 38 10.77 -36.31 3.75
N VAL B 39 10.12 -35.17 3.44
CA VAL B 39 8.62 -35.15 3.45
C VAL B 39 8.21 -35.01 1.98
N TRP B 40 6.99 -34.63 1.76
CA TRP B 40 6.30 -34.36 0.52
C TRP B 40 4.80 -34.12 0.88
N PRO B 41 4.35 -32.90 0.81
CA PRO B 41 5.04 -31.67 0.44
C PRO B 41 6.06 -31.08 1.41
N PRO B 42 7.27 -30.77 0.90
CA PRO B 42 8.36 -30.22 1.68
C PRO B 42 7.91 -29.07 2.54
N CYS B 43 8.10 -27.94 2.01
CA CYS B 43 7.72 -26.57 2.39
C CYS B 43 6.21 -26.42 2.07
N VAL B 44 5.67 -25.25 2.42
CA VAL B 44 4.17 -25.12 2.17
C VAL B 44 3.94 -23.65 2.40
N GLU B 45 2.92 -23.05 1.87
CA GLU B 45 2.62 -21.62 1.94
C GLU B 45 1.91 -21.27 3.22
N VAL B 46 2.40 -20.35 4.01
CA VAL B 46 1.78 -19.94 5.27
C VAL B 46 1.99 -18.44 5.45
N GLN B 47 0.96 -17.80 5.95
CA GLN B 47 0.87 -16.35 6.18
C GLN B 47 1.70 -15.89 7.34
N ARG B 48 2.17 -14.69 7.33
CA ARG B 48 3.04 -14.18 8.40
C ARG B 48 3.18 -12.66 8.23
N CYS B 49 3.22 -11.99 9.36
CA CYS B 49 3.36 -10.51 9.35
C CYS B 49 4.79 -10.29 8.89
N SER B 50 4.93 -9.40 7.96
CA SER B 50 6.18 -9.03 7.28
C SER B 50 5.97 -7.51 7.12
N GLY B 51 6.98 -6.70 7.29
CA GLY B 51 6.70 -5.23 7.15
C GLY B 51 7.36 -4.40 8.23
N CYS B 52 7.25 -3.08 8.07
CA CYS B 52 7.91 -2.09 8.88
C CYS B 52 7.00 -1.04 9.52
N CYS B 53 7.51 -0.61 10.67
CA CYS B 53 6.88 0.44 11.48
C CYS B 53 7.78 1.70 11.51
N ASN B 54 7.06 2.79 11.41
CA ASN B 54 7.63 4.16 11.46
C ASN B 54 8.62 4.27 12.60
N ASN B 55 8.15 4.76 13.73
CA ASN B 55 9.05 4.82 14.93
C ASN B 55 9.72 3.42 15.00
N ARG B 56 11.00 3.45 14.64
CA ARG B 56 11.86 2.25 14.60
C ARG B 56 11.68 1.42 15.87
N ASN B 57 11.35 2.13 16.96
CA ASN B 57 11.15 1.39 18.24
C ASN B 57 9.82 0.64 18.07
N VAL B 58 8.82 1.26 17.45
CA VAL B 58 7.54 0.55 17.18
C VAL B 58 7.90 -0.70 16.33
N GLN B 59 7.26 -1.79 16.63
CA GLN B 59 7.50 -3.08 15.90
C GLN B 59 6.21 -3.64 15.32
N CYS B 60 6.28 -4.23 14.12
CA CYS B 60 5.09 -4.82 13.47
C CYS B 60 4.99 -6.32 13.74
N ARG B 61 3.93 -6.65 14.52
CA ARG B 61 3.69 -8.03 14.95
C ARG B 61 2.21 -8.42 14.94
N PRO B 62 1.95 -9.74 15.12
CA PRO B 62 0.66 -10.38 15.05
C PRO B 62 -0.38 -10.11 16.12
N THR B 63 -1.62 -9.92 15.70
CA THR B 63 -2.77 -9.66 16.54
C THR B 63 -3.87 -10.69 16.50
N GLN B 64 -3.69 -11.81 15.92
CA GLN B 64 -4.63 -12.92 15.78
C GLN B 64 -3.77 -13.96 15.02
N VAL B 65 -3.68 -15.14 15.51
CA VAL B 65 -2.91 -16.21 14.79
C VAL B 65 -3.97 -17.24 14.49
N GLN B 66 -3.67 -18.40 14.03
CA GLN B 66 -4.64 -19.44 13.64
C GLN B 66 -3.84 -20.74 13.47
N LEU B 67 -4.56 -21.81 13.63
CA LEU B 67 -3.96 -23.16 13.51
C LEU B 67 -4.73 -23.98 12.49
N ARG B 68 -3.89 -24.55 11.63
CA ARG B 68 -4.33 -25.39 10.52
C ARG B 68 -3.31 -26.53 10.45
N PRO B 69 -3.79 -27.67 10.89
CA PRO B 69 -2.95 -28.90 10.86
C PRO B 69 -3.08 -29.38 9.42
N VAL B 70 -2.05 -29.91 8.84
CA VAL B 70 -2.05 -30.38 7.43
C VAL B 70 -1.53 -31.82 7.46
N GLN B 71 -2.12 -32.68 6.63
CA GLN B 71 -1.60 -34.08 6.60
C GLN B 71 -0.45 -34.11 5.58
N VAL B 72 0.55 -34.87 5.94
CA VAL B 72 1.84 -34.90 5.21
C VAL B 72 2.28 -36.28 4.86
N ARG B 73 2.81 -36.56 3.68
CA ARG B 73 3.30 -37.95 3.43
C ARG B 73 4.63 -38.13 4.15
N LYS B 74 4.60 -39.05 5.10
CA LYS B 74 5.72 -39.39 5.99
C LYS B 74 6.45 -40.64 5.52
N ILE B 75 7.14 -40.46 4.40
CA ILE B 75 7.93 -41.51 3.74
C ILE B 75 8.94 -42.05 4.77
N GLU B 76 9.05 -43.36 4.80
CA GLU B 76 9.98 -44.01 5.75
C GLU B 76 10.87 -45.02 5.05
N ILE B 77 11.98 -44.51 4.51
CA ILE B 77 12.97 -45.38 3.83
C ILE B 77 14.09 -45.72 4.84
N VAL B 78 13.73 -46.65 5.71
CA VAL B 78 14.64 -47.12 6.79
C VAL B 78 15.29 -48.42 6.31
N ARG B 79 15.87 -49.17 7.21
CA ARG B 79 16.55 -50.42 6.95
C ARG B 79 15.94 -51.29 5.86
N LYS B 80 16.35 -51.03 4.63
CA LYS B 80 15.91 -51.73 3.42
C LYS B 80 14.44 -52.11 3.53
N LYS B 81 13.68 -51.17 4.05
CA LYS B 81 12.27 -51.21 4.34
C LYS B 81 11.56 -49.91 3.87
N PRO B 82 11.07 -50.00 2.67
CA PRO B 82 10.25 -48.92 2.04
C PRO B 82 8.88 -49.12 2.72
N ILE B 83 8.68 -48.26 3.71
CA ILE B 83 7.50 -48.30 4.57
C ILE B 83 7.16 -46.89 5.04
N PHE B 84 6.59 -46.15 4.13
CA PHE B 84 6.13 -44.76 4.29
C PHE B 84 4.98 -44.68 5.30
N LYS B 85 4.73 -43.46 5.79
CA LYS B 85 3.62 -43.20 6.73
C LYS B 85 2.98 -41.85 6.42
N LYS B 86 2.01 -41.46 7.24
CA LYS B 86 1.32 -40.20 7.13
C LYS B 86 1.23 -39.51 8.52
N ALA B 87 1.91 -38.40 8.59
CA ALA B 87 1.98 -37.48 9.71
C ALA B 87 0.96 -36.33 9.54
N THR B 88 0.93 -35.52 10.58
CA THR B 88 0.10 -34.30 10.66
C THR B 88 0.97 -33.18 11.23
N VAL B 89 1.04 -32.09 10.49
CA VAL B 89 1.91 -30.96 10.91
C VAL B 89 1.11 -29.68 10.92
N THR B 90 0.92 -29.08 12.09
CA THR B 90 0.08 -27.90 12.26
C THR B 90 0.88 -26.64 11.96
N LEU B 91 0.25 -25.85 11.12
CA LEU B 91 0.70 -24.58 10.61
C LEU B 91 0.20 -23.39 11.41
N GLU B 92 1.06 -22.38 11.52
CA GLU B 92 0.67 -21.14 12.21
C GLU B 92 0.53 -20.05 11.15
N ASP B 93 -0.73 -19.66 10.96
CA ASP B 93 -1.05 -18.59 9.97
C ASP B 93 -1.06 -17.31 10.75
N HIS B 94 -1.23 -16.18 10.13
CA HIS B 94 -1.26 -14.86 10.78
C HIS B 94 -2.42 -14.15 10.10
N LEU B 95 -3.58 -14.12 10.70
CA LEU B 95 -4.79 -13.55 10.14
C LEU B 95 -4.89 -12.05 10.01
N ALA B 96 -4.22 -11.29 10.84
CA ALA B 96 -4.38 -9.80 10.74
C ALA B 96 -3.39 -9.15 11.69
N CYS B 97 -2.43 -8.46 11.14
CA CYS B 97 -1.37 -7.80 11.90
C CYS B 97 -1.62 -6.29 12.17
N LYS B 98 -0.73 -5.82 13.05
CA LYS B 98 -0.70 -4.46 13.55
C LYS B 98 0.68 -4.12 14.19
N CYS B 99 1.11 -2.92 13.82
CA CYS B 99 2.36 -2.25 14.20
C CYS B 99 2.24 -1.88 15.69
N GLU B 100 3.08 -2.40 16.53
CA GLU B 100 2.95 -2.07 17.99
C GLU B 100 4.04 -2.72 18.81
N ILE C 7 -7.75 46.07 -34.17
CA ILE C 7 -7.20 44.73 -33.92
C ILE C 7 -8.24 43.83 -33.26
N ALA C 8 -7.75 42.76 -32.67
CA ALA C 8 -8.46 41.72 -31.96
C ALA C 8 -7.45 40.59 -31.69
N GLU C 9 -7.25 40.22 -30.43
CA GLU C 9 -6.32 39.13 -30.13
C GLU C 9 -7.07 37.79 -30.21
N PRO C 10 -6.40 36.85 -30.82
CA PRO C 10 -6.91 35.49 -30.99
C PRO C 10 -7.40 35.03 -29.62
N ALA C 11 -8.45 34.25 -29.63
CA ALA C 11 -9.05 33.68 -28.43
C ALA C 11 -8.20 32.60 -27.79
N MET C 12 -8.51 32.36 -26.54
CA MET C 12 -7.89 31.31 -25.69
C MET C 12 -9.11 30.65 -25.03
N ILE C 13 -8.97 29.41 -24.64
CA ILE C 13 -10.14 28.67 -24.11
C ILE C 13 -10.18 28.52 -22.62
N ALA C 14 -11.39 28.24 -22.17
CA ALA C 14 -11.91 28.07 -20.85
C ALA C 14 -11.51 26.79 -20.15
N GLU C 15 -10.32 26.31 -20.44
CA GLU C 15 -9.79 25.06 -19.89
C GLU C 15 -10.47 24.71 -18.57
N CYS C 16 -10.50 23.42 -18.27
CA CYS C 16 -11.12 22.89 -17.05
C CYS C 16 -10.14 22.85 -15.87
N LYS C 17 -10.53 23.63 -14.85
CA LYS C 17 -9.66 23.73 -13.65
C LYS C 17 -10.46 24.01 -12.40
N THR C 18 -9.74 24.29 -11.32
CA THR C 18 -10.33 24.67 -10.04
C THR C 18 -10.01 26.17 -9.82
N ARG C 19 -11.05 26.96 -9.86
CA ARG C 19 -10.97 28.42 -9.66
C ARG C 19 -11.58 28.78 -8.31
N THR C 20 -12.17 29.96 -8.23
CA THR C 20 -12.81 30.37 -6.96
C THR C 20 -14.19 30.92 -7.21
N GLU C 21 -15.08 30.73 -6.26
CA GLU C 21 -16.45 31.18 -6.39
C GLU C 21 -17.05 31.79 -5.15
N VAL C 22 -18.29 32.22 -5.30
CA VAL C 22 -19.06 32.86 -4.25
C VAL C 22 -20.29 32.08 -3.88
N PHE C 23 -20.23 31.40 -2.74
CA PHE C 23 -21.44 30.67 -2.25
C PHE C 23 -22.33 31.75 -1.65
N GLU C 24 -23.59 31.70 -1.97
CA GLU C 24 -24.59 32.63 -1.33
C GLU C 24 -25.27 31.71 -0.30
N ILE C 25 -25.59 32.15 0.90
CA ILE C 25 -26.22 31.20 1.85
C ILE C 25 -27.51 31.71 2.44
N SER C 26 -28.52 30.83 2.44
CA SER C 26 -29.85 31.10 3.00
C SER C 26 -30.51 29.81 3.54
N PHE C 37 -33.54 37.15 9.39
CA PHE C 37 -32.78 35.83 9.59
C PHE C 37 -31.47 36.01 8.79
N LEU C 38 -31.02 37.26 8.79
CA LEU C 38 -29.77 37.58 8.08
C LEU C 38 -28.66 36.77 8.75
N VAL C 39 -27.91 36.07 7.92
CA VAL C 39 -26.76 35.25 8.40
C VAL C 39 -25.49 36.05 8.07
N TRP C 40 -24.44 35.93 8.84
CA TRP C 40 -23.17 36.60 8.52
C TRP C 40 -22.09 35.50 8.54
N PRO C 41 -21.21 35.49 7.58
CA PRO C 41 -21.21 36.41 6.42
C PRO C 41 -22.30 35.80 5.53
N PRO C 42 -22.67 36.52 4.53
CA PRO C 42 -23.69 36.07 3.57
C PRO C 42 -23.07 35.34 2.40
N CYS C 43 -21.73 35.43 2.29
CA CYS C 43 -21.03 34.80 1.17
C CYS C 43 -19.69 34.19 1.43
N VAL C 44 -19.65 32.93 1.74
CA VAL C 44 -18.37 32.20 1.90
C VAL C 44 -17.93 31.86 0.46
N GLU C 45 -16.67 32.09 0.18
CA GLU C 45 -16.07 31.75 -1.14
C GLU C 45 -15.71 30.27 -1.14
N VAL C 46 -15.99 29.56 -2.22
CA VAL C 46 -15.72 28.13 -2.37
C VAL C 46 -15.19 27.72 -3.75
N GLN C 47 -14.12 26.96 -3.76
CA GLN C 47 -13.45 26.44 -4.98
C GLN C 47 -14.41 25.69 -5.89
N ARG C 48 -14.06 25.47 -7.16
CA ARG C 48 -14.93 24.76 -8.09
C ARG C 48 -14.28 24.36 -9.42
N CYS C 49 -15.14 23.68 -10.20
CA CYS C 49 -14.81 23.18 -11.52
C CYS C 49 -15.72 23.86 -12.58
N SER C 50 -15.06 24.71 -13.33
CA SER C 50 -15.66 25.46 -14.44
C SER C 50 -14.70 25.33 -15.64
N GLY C 51 -15.27 25.44 -16.81
CA GLY C 51 -14.47 25.38 -18.04
C GLY C 51 -15.23 24.72 -19.17
N CYS C 52 -14.47 24.43 -20.22
CA CYS C 52 -14.96 23.75 -21.40
C CYS C 52 -14.00 22.59 -21.76
N CYS C 53 -14.66 21.67 -22.43
CA CYS C 53 -14.05 20.44 -22.95
C CYS C 53 -13.99 20.54 -24.47
N ASN C 54 -13.59 19.42 -25.09
CA ASN C 54 -13.41 19.43 -26.55
C ASN C 54 -14.50 18.78 -27.33
N ASN C 55 -14.67 17.48 -27.24
CA ASN C 55 -15.66 16.74 -28.07
C ASN C 55 -17.05 16.72 -27.49
N ARG C 56 -17.74 17.83 -27.56
CA ARG C 56 -19.01 18.26 -27.09
C ARG C 56 -20.05 17.24 -26.71
N ASN C 57 -19.60 16.13 -26.19
CA ASN C 57 -20.37 15.01 -25.63
C ASN C 57 -19.82 14.87 -24.17
N VAL C 58 -18.70 15.57 -24.03
CA VAL C 58 -17.93 15.60 -22.80
C VAL C 58 -18.33 16.78 -21.90
N GLN C 59 -17.98 16.58 -20.64
CA GLN C 59 -18.22 17.59 -19.59
C GLN C 59 -17.00 17.63 -18.67
N CYS C 60 -16.90 18.73 -17.95
CA CYS C 60 -15.80 18.98 -17.01
C CYS C 60 -16.36 18.86 -15.59
N ARG C 61 -16.43 17.62 -15.15
CA ARG C 61 -17.00 17.25 -13.83
C ARG C 61 -15.84 16.95 -12.89
N PRO C 62 -16.12 16.98 -11.59
CA PRO C 62 -15.12 16.91 -10.53
C PRO C 62 -14.49 15.59 -10.20
N THR C 63 -13.22 15.56 -9.91
CA THR C 63 -12.54 14.32 -9.53
C THR C 63 -12.61 14.06 -8.04
N GLN C 64 -12.02 14.96 -7.26
CA GLN C 64 -11.99 14.85 -5.77
C GLN C 64 -12.88 15.96 -5.23
N VAL C 65 -13.48 15.83 -4.07
CA VAL C 65 -14.26 16.94 -3.49
C VAL C 65 -13.93 17.02 -1.98
N GLN C 66 -13.69 18.25 -1.56
CA GLN C 66 -13.35 18.56 -0.14
C GLN C 66 -14.70 18.53 0.61
N LEU C 67 -14.66 18.78 1.87
CA LEU C 67 -15.90 18.86 2.68
C LEU C 67 -15.46 19.60 3.96
N ARG C 68 -15.64 20.90 3.87
CA ARG C 68 -15.27 21.80 4.96
C ARG C 68 -16.57 22.46 5.44
N PRO C 69 -16.87 22.12 6.67
CA PRO C 69 -18.07 22.70 7.33
C PRO C 69 -17.56 23.95 8.05
N VAL C 70 -18.17 25.05 7.72
CA VAL C 70 -17.83 26.34 8.40
C VAL C 70 -19.00 26.56 9.38
N GLN C 71 -18.65 27.08 10.52
CA GLN C 71 -19.67 27.39 11.59
C GLN C 71 -19.84 28.90 11.37
N VAL C 72 -21.04 29.37 11.59
CA VAL C 72 -21.26 30.82 11.19
C VAL C 72 -22.47 31.36 11.90
N ARG C 73 -22.40 32.61 12.37
CA ARG C 73 -23.54 33.21 13.12
C ARG C 73 -24.76 33.38 12.19
N LYS C 74 -25.92 33.41 12.83
CA LYS C 74 -27.19 33.53 12.11
C LYS C 74 -28.18 34.50 12.73
N ILE C 75 -27.93 35.79 12.58
CA ILE C 75 -28.77 36.85 13.11
C ILE C 75 -30.26 36.48 13.02
N GLU C 76 -30.95 36.87 14.08
CA GLU C 76 -32.37 36.43 14.25
C GLU C 76 -33.13 37.30 15.20
N ILE C 77 -33.81 38.34 14.75
CA ILE C 77 -34.55 39.28 15.56
C ILE C 77 -35.79 38.78 16.27
N VAL C 78 -35.62 38.50 17.56
CA VAL C 78 -36.76 38.11 18.43
C VAL C 78 -37.15 39.41 19.16
N ARG C 79 -38.40 39.80 19.05
CA ARG C 79 -39.00 41.01 19.56
C ARG C 79 -37.99 42.13 19.82
N LYS C 80 -37.55 42.71 18.71
CA LYS C 80 -36.56 43.80 18.70
C LYS C 80 -35.68 43.74 19.96
N LYS C 81 -34.79 42.82 19.87
CA LYS C 81 -33.74 42.30 20.70
C LYS C 81 -33.16 41.12 19.87
N PRO C 82 -31.85 41.17 19.68
CA PRO C 82 -31.17 40.24 18.81
C PRO C 82 -30.71 38.94 19.40
N ILE C 83 -31.29 37.83 18.90
CA ILE C 83 -30.95 36.48 19.27
C ILE C 83 -30.08 35.79 18.21
N PHE C 84 -28.79 35.74 18.43
CA PHE C 84 -27.84 35.11 17.51
C PHE C 84 -27.65 33.62 17.71
N LYS C 85 -28.30 32.77 16.95
CA LYS C 85 -27.97 31.32 17.14
C LYS C 85 -26.50 31.16 16.74
N LYS C 86 -26.05 29.93 16.77
CA LYS C 86 -24.74 29.47 16.35
C LYS C 86 -25.09 28.31 15.36
N ALA C 87 -24.39 28.30 14.24
CA ALA C 87 -24.69 27.25 13.24
C ALA C 87 -23.49 26.93 12.36
N THR C 88 -23.62 25.75 11.77
CA THR C 88 -22.63 25.16 10.87
C THR C 88 -23.17 24.74 9.50
N VAL C 89 -22.41 25.09 8.49
CA VAL C 89 -22.66 24.83 7.08
C VAL C 89 -21.57 23.88 6.52
N THR C 90 -22.01 22.82 5.86
CA THR C 90 -20.97 21.91 5.24
C THR C 90 -20.75 22.53 3.86
N LEU C 91 -19.55 23.03 3.64
CA LEU C 91 -19.18 23.66 2.35
C LEU C 91 -18.49 22.57 1.51
N GLU C 92 -18.70 22.68 0.24
CA GLU C 92 -18.06 21.64 -0.66
C GLU C 92 -16.97 22.32 -1.46
N ASP C 93 -15.79 21.73 -1.55
CA ASP C 93 -14.67 22.29 -2.29
C ASP C 93 -14.14 21.27 -3.34
N HIS C 94 -14.43 21.53 -4.61
CA HIS C 94 -13.85 20.61 -5.65
C HIS C 94 -12.35 20.83 -5.56
N LEU C 95 -11.54 19.79 -5.61
CA LEU C 95 -10.06 19.94 -5.50
C LEU C 95 -9.32 19.42 -6.73
N ALA C 96 -10.02 19.06 -7.74
CA ALA C 96 -9.40 18.56 -9.00
C ALA C 96 -10.52 18.23 -9.97
N CYS C 97 -10.22 18.43 -11.25
CA CYS C 97 -11.26 18.20 -12.27
C CYS C 97 -10.62 17.56 -13.49
N LYS C 98 -11.48 17.39 -14.48
CA LYS C 98 -11.18 16.96 -15.80
C LYS C 98 -12.44 16.58 -16.61
N CYS C 99 -12.25 16.76 -17.90
CA CYS C 99 -13.27 16.55 -18.91
C CYS C 99 -13.78 15.14 -18.97
N GLU C 100 -14.41 14.67 -17.91
CA GLU C 100 -15.00 13.30 -17.95
C GLU C 100 -16.02 13.31 -19.09
N THR C 101 -16.29 12.15 -19.64
CA THR C 101 -17.26 11.98 -20.74
C THR C 101 -18.66 11.85 -20.14
N VAL C 102 -19.28 13.02 -19.97
CA VAL C 102 -20.63 13.06 -19.36
C VAL C 102 -21.58 12.33 -20.31
#